data_7E56
#
_entry.id   7E56
#
_cell.length_a   44.547
_cell.length_b   68.707
_cell.length_c   88.319
_cell.angle_alpha   90.000
_cell.angle_beta   90.000
_cell.angle_gamma   90.000
#
_symmetry.space_group_name_H-M   'P 21 21 21'
#
loop_
_entity.id
_entity.type
_entity.pdbx_description
1 polymer Endo-polygalacturonase
2 water water
#
_entity_poly.entity_id   1
_entity_poly.type   'polypeptide(L)'
_entity_poly.pdbx_seq_one_letter_code
;ASCTFTDAASAMASKTACSTITLNNIAVPAGTTLDLTGLTSGTRVIFEGTTTFGYQEWSGPLVSISGTDITVQGASGSVL
DGDGARWWDGQGSNGGKTKPKFFYAHSLDSSSITGITIKNSPVQVFSIQSNNLSLTDITVDDADGDTQGGHNTDAFDIGS
STYITITNANVHNQDDCIAVNSGENIIFTGGTCTGGHGLSIGSVGGRSDNTVKNVTIEHSTVTNSQNGVRIKTVYGATGS
VSEVTYSNIQMSGITNYGIVIEQDYENGSPTGTPTNGVPITDLTLNCVTGSVSSGATEIYILCGSGSCSSWTWTCVSITG
GSKSTKCENVPSGVSC
;
_entity_poly.pdbx_strand_id   A
#
# COMPACT_ATOMS: atom_id res chain seq x y z
N ALA A 1 10.35 7.71 -31.55
CA ALA A 1 9.57 6.71 -32.28
C ALA A 1 8.35 6.26 -31.48
N SER A 2 7.18 6.28 -32.12
CA SER A 2 5.95 5.81 -31.49
C SER A 2 5.63 4.41 -31.98
N CYS A 3 5.29 3.51 -31.06
CA CYS A 3 5.04 2.12 -31.41
C CYS A 3 3.84 1.59 -30.63
N THR A 4 2.99 0.81 -31.30
CA THR A 4 1.81 0.22 -30.69
C THR A 4 1.97 -1.30 -30.73
N PHE A 5 1.79 -1.94 -29.59
CA PHE A 5 2.00 -3.38 -29.47
C PHE A 5 0.71 -4.04 -29.02
N THR A 6 0.40 -5.17 -29.65
CA THR A 6 -0.72 -6.01 -29.25
C THR A 6 -0.28 -7.33 -28.64
N ASP A 7 1.03 -7.54 -28.46
CA ASP A 7 1.54 -8.72 -27.80
C ASP A 7 2.78 -8.36 -26.99
N ALA A 8 3.02 -9.15 -25.93
CA ALA A 8 4.08 -8.85 -24.99
C ALA A 8 5.46 -9.03 -25.61
N ALA A 9 5.65 -10.09 -26.41
CA ALA A 9 6.97 -10.37 -26.95
C ALA A 9 7.47 -9.23 -27.84
N SER A 10 6.59 -8.66 -28.67
CA SER A 10 6.99 -7.54 -29.51
C SER A 10 7.33 -6.31 -28.66
N ALA A 11 6.51 -6.01 -27.66
CA ALA A 11 6.80 -4.87 -26.79
C ALA A 11 8.16 -5.01 -26.11
N MET A 12 8.48 -6.21 -25.63
N MET A 12 8.46 -6.21 -25.61
CA MET A 12 9.72 -6.42 -24.91
CA MET A 12 9.74 -6.38 -24.92
C MET A 12 10.94 -6.42 -25.84
C MET A 12 10.90 -6.28 -25.89
N ALA A 13 10.76 -6.82 -27.10
CA ALA A 13 11.85 -6.78 -28.05
C ALA A 13 12.17 -5.36 -28.50
N SER A 14 11.19 -4.47 -28.53
CA SER A 14 11.38 -3.16 -29.13
C SER A 14 11.27 -1.99 -28.16
N LYS A 15 11.10 -2.26 -26.87
CA LYS A 15 10.81 -1.17 -25.92
C LYS A 15 11.90 -0.10 -25.91
N THR A 16 13.17 -0.47 -26.08
CA THR A 16 14.20 0.57 -25.99
C THR A 16 14.31 1.42 -27.24
N ALA A 17 13.74 0.98 -28.36
CA ALA A 17 13.76 1.75 -29.60
C ALA A 17 12.55 2.66 -29.75
N CYS A 18 11.64 2.64 -28.77
CA CYS A 18 10.40 3.41 -28.83
C CYS A 18 10.41 4.45 -27.73
N SER A 19 10.05 5.69 -28.07
CA SER A 19 9.89 6.73 -27.07
C SER A 19 8.45 6.89 -26.60
N THR A 20 7.48 6.40 -27.36
CA THR A 20 6.11 6.24 -26.89
C THR A 20 5.70 4.81 -27.16
N ILE A 21 5.27 4.11 -26.12
CA ILE A 21 4.91 2.69 -26.19
C ILE A 21 3.45 2.60 -25.82
N THR A 22 2.63 2.11 -26.75
CA THR A 22 1.22 1.89 -26.50
C THR A 22 1.00 0.38 -26.41
N LEU A 23 0.38 -0.05 -25.31
CA LEU A 23 0.15 -1.47 -25.03
C LEU A 23 -1.35 -1.69 -25.13
N ASN A 24 -1.79 -2.28 -26.25
CA ASN A 24 -3.22 -2.36 -26.56
C ASN A 24 -3.71 -3.79 -26.38
N ASN A 25 -4.52 -4.02 -25.35
CA ASN A 25 -5.23 -5.28 -25.14
C ASN A 25 -4.30 -6.49 -25.12
N ILE A 26 -3.16 -6.34 -24.46
CA ILE A 26 -2.16 -7.40 -24.45
C ILE A 26 -2.58 -8.52 -23.51
N ALA A 27 -2.50 -9.76 -24.00
CA ALA A 27 -2.64 -10.94 -23.15
C ALA A 27 -1.23 -11.43 -22.80
N VAL A 28 -0.88 -11.32 -21.53
CA VAL A 28 0.48 -11.61 -21.06
C VAL A 28 0.60 -13.11 -20.79
N PRO A 29 1.58 -13.80 -21.37
CA PRO A 29 1.65 -15.26 -21.20
C PRO A 29 1.73 -15.65 -19.73
N ALA A 30 1.07 -16.77 -19.41
CA ALA A 30 1.06 -17.30 -18.05
C ALA A 30 2.48 -17.49 -17.54
N GLY A 31 2.70 -17.11 -16.28
CA GLY A 31 3.98 -17.30 -15.66
C GLY A 31 5.06 -16.36 -16.12
N THR A 32 4.71 -15.31 -16.86
CA THR A 32 5.70 -14.33 -17.30
C THR A 32 5.32 -12.93 -16.86
N THR A 33 6.33 -12.08 -16.79
CA THR A 33 6.17 -10.67 -16.49
C THR A 33 6.03 -9.91 -17.79
N LEU A 34 5.07 -8.97 -17.84
CA LEU A 34 5.09 -7.96 -18.88
C LEU A 34 6.24 -7.03 -18.53
N ASP A 35 7.41 -7.29 -19.12
CA ASP A 35 8.67 -6.73 -18.65
C ASP A 35 8.97 -5.46 -19.43
N LEU A 36 8.61 -4.33 -18.83
CA LEU A 36 8.92 -3.00 -19.35
C LEU A 36 10.00 -2.33 -18.49
N THR A 37 10.93 -3.13 -17.97
CA THR A 37 12.07 -2.54 -17.28
C THR A 37 13.12 -2.08 -18.28
N GLY A 38 14.03 -1.24 -17.81
CA GLY A 38 15.15 -0.85 -18.65
C GLY A 38 14.79 0.13 -19.75
N LEU A 39 13.75 0.94 -19.54
CA LEU A 39 13.32 1.85 -20.59
C LEU A 39 14.30 3.01 -20.73
N THR A 40 14.34 3.58 -21.93
CA THR A 40 15.16 4.75 -22.18
C THR A 40 14.50 5.97 -21.55
N SER A 41 15.32 6.83 -20.94
N SER A 41 15.32 6.83 -20.93
N SER A 41 15.33 6.82 -20.94
CA SER A 41 14.81 7.99 -20.24
CA SER A 41 14.79 7.99 -20.23
CA SER A 41 14.83 8.02 -20.26
C SER A 41 13.93 8.84 -21.16
C SER A 41 13.93 8.83 -21.16
C SER A 41 13.92 8.82 -21.19
N GLY A 42 12.79 9.28 -20.64
CA GLY A 42 11.85 10.08 -21.39
C GLY A 42 10.68 9.31 -22.00
N THR A 43 10.72 7.98 -21.95
CA THR A 43 9.70 7.17 -22.61
C THR A 43 8.34 7.35 -21.93
N ARG A 44 7.29 7.37 -22.73
CA ARG A 44 5.92 7.37 -22.27
C ARG A 44 5.30 6.00 -22.59
N VAL A 45 4.60 5.42 -21.61
CA VAL A 45 3.97 4.11 -21.72
C VAL A 45 2.47 4.31 -21.52
N ILE A 46 1.67 3.86 -22.47
CA ILE A 46 0.22 4.01 -22.42
C ILE A 46 -0.42 2.64 -22.45
N PHE A 47 -1.22 2.32 -21.42
CA PHE A 47 -2.01 1.10 -21.41
C PHE A 47 -3.40 1.40 -21.98
N GLU A 48 -3.79 0.63 -22.99
CA GLU A 48 -5.08 0.78 -23.63
C GLU A 48 -5.87 -0.52 -23.52
N GLY A 49 -7.20 -0.40 -23.48
CA GLY A 49 -8.02 -1.59 -23.45
C GLY A 49 -7.79 -2.38 -22.17
N THR A 50 -7.93 -3.70 -22.27
CA THR A 50 -7.83 -4.57 -21.12
C THR A 50 -6.58 -5.43 -21.27
N THR A 51 -5.65 -5.30 -20.33
CA THR A 51 -4.49 -6.18 -20.26
C THR A 51 -4.87 -7.38 -19.41
N THR A 52 -4.57 -8.58 -19.90
CA THR A 52 -4.91 -9.81 -19.18
C THR A 52 -3.66 -10.65 -19.01
N PHE A 53 -3.79 -11.71 -18.20
CA PHE A 53 -2.64 -12.50 -17.77
C PHE A 53 -3.02 -13.97 -17.72
N GLY A 54 -2.16 -14.83 -18.23
CA GLY A 54 -2.42 -16.24 -18.17
C GLY A 54 -2.29 -16.80 -16.76
N TYR A 55 -2.96 -17.93 -16.52
CA TYR A 55 -2.99 -18.54 -15.20
C TYR A 55 -1.78 -19.45 -14.99
N GLN A 56 -1.07 -19.23 -13.88
CA GLN A 56 -0.01 -20.10 -13.40
C GLN A 56 0.22 -19.76 -11.93
N GLU A 57 0.57 -20.77 -11.14
CA GLU A 57 0.96 -20.53 -9.76
C GLU A 57 2.41 -20.11 -9.74
N TRP A 58 2.67 -18.83 -9.48
CA TRP A 58 4.02 -18.31 -9.42
C TRP A 58 3.97 -16.98 -8.67
N SER A 59 5.13 -16.41 -8.40
N SER A 59 5.13 -16.41 -8.39
CA SER A 59 5.20 -15.27 -7.49
CA SER A 59 5.19 -15.27 -7.48
C SER A 59 5.16 -13.91 -8.17
C SER A 59 5.19 -13.91 -8.17
N GLY A 60 5.23 -13.87 -9.50
CA GLY A 60 5.19 -12.60 -10.20
C GLY A 60 6.55 -11.93 -10.27
N PRO A 61 6.58 -10.66 -10.67
CA PRO A 61 5.44 -9.77 -10.88
C PRO A 61 4.77 -9.96 -12.24
N LEU A 62 3.48 -9.64 -12.30
CA LEU A 62 2.77 -9.67 -13.58
C LEU A 62 3.24 -8.56 -14.52
N VAL A 63 3.59 -7.38 -13.98
CA VAL A 63 4.01 -6.21 -14.75
C VAL A 63 5.19 -5.59 -14.01
N SER A 64 6.18 -5.09 -14.75
CA SER A 64 7.30 -4.42 -14.09
C SER A 64 7.78 -3.32 -15.02
N ILE A 65 7.96 -2.11 -14.48
CA ILE A 65 8.39 -0.96 -15.27
C ILE A 65 9.54 -0.29 -14.53
N SER A 66 10.58 0.09 -15.25
CA SER A 66 11.67 0.83 -14.61
C SER A 66 12.34 1.73 -15.64
N GLY A 67 13.09 2.69 -15.12
CA GLY A 67 13.72 3.71 -15.94
C GLY A 67 13.65 5.06 -15.25
N THR A 68 14.26 6.07 -15.86
N THR A 68 14.27 6.08 -15.84
CA THR A 68 14.23 7.43 -15.32
CA THR A 68 14.20 7.42 -15.33
C THR A 68 13.40 8.32 -16.26
C THR A 68 13.36 8.28 -16.26
N ASP A 69 12.63 9.24 -15.68
CA ASP A 69 11.82 10.18 -16.46
C ASP A 69 10.83 9.44 -17.36
N ILE A 70 10.14 8.47 -16.79
CA ILE A 70 9.16 7.66 -17.49
C ILE A 70 7.77 8.17 -17.12
N THR A 71 6.88 8.27 -18.10
CA THR A 71 5.50 8.69 -17.86
C THR A 71 4.63 7.50 -18.20
N VAL A 72 3.98 6.90 -17.20
CA VAL A 72 3.10 5.75 -17.40
C VAL A 72 1.67 6.24 -17.26
N GLN A 73 0.83 5.89 -18.23
CA GLN A 73 -0.55 6.36 -18.27
C GLN A 73 -1.51 5.23 -18.59
N GLY A 74 -2.67 5.25 -17.94
CA GLY A 74 -3.79 4.44 -18.35
C GLY A 74 -4.71 5.30 -19.20
N ALA A 75 -4.97 4.84 -20.42
CA ALA A 75 -5.94 5.54 -21.26
C ALA A 75 -7.33 5.41 -20.66
N SER A 76 -8.21 6.33 -21.07
CA SER A 76 -9.60 6.28 -20.61
C SER A 76 -10.20 4.92 -20.85
N GLY A 77 -10.78 4.33 -19.81
CA GLY A 77 -11.40 3.02 -19.89
C GLY A 77 -10.46 1.84 -19.81
N SER A 78 -9.15 2.06 -19.69
CA SER A 78 -8.22 0.94 -19.67
C SER A 78 -8.27 0.26 -18.32
N VAL A 79 -7.93 -1.03 -18.31
CA VAL A 79 -7.86 -1.78 -17.07
CA VAL A 79 -7.93 -1.85 -17.10
C VAL A 79 -6.79 -2.85 -17.23
N LEU A 80 -6.07 -3.09 -16.14
CA LEU A 80 -5.18 -4.23 -16.03
C LEU A 80 -5.94 -5.24 -15.18
N ASP A 81 -6.45 -6.31 -15.79
CA ASP A 81 -7.37 -7.23 -15.14
C ASP A 81 -6.62 -8.49 -14.79
N GLY A 82 -6.34 -8.67 -13.49
CA GLY A 82 -5.65 -9.87 -13.04
C GLY A 82 -6.50 -11.10 -12.96
N ASP A 83 -7.83 -10.96 -12.99
CA ASP A 83 -8.76 -12.09 -12.83
C ASP A 83 -8.30 -12.98 -11.67
N GLY A 84 -8.09 -12.32 -10.52
CA GLY A 84 -7.46 -12.93 -9.38
C GLY A 84 -8.25 -14.06 -8.75
N ALA A 85 -9.56 -14.12 -9.01
CA ALA A 85 -10.34 -15.23 -8.46
C ALA A 85 -9.84 -16.59 -8.91
N ARG A 86 -9.09 -16.67 -10.02
CA ARG A 86 -8.47 -17.91 -10.44
C ARG A 86 -7.50 -18.45 -9.39
N TRP A 87 -6.89 -17.56 -8.61
CA TRP A 87 -5.99 -17.94 -7.53
C TRP A 87 -6.61 -17.86 -6.16
N TRP A 88 -7.56 -16.94 -5.92
CA TRP A 88 -8.02 -16.66 -4.56
C TRP A 88 -8.52 -17.92 -3.87
N ASP A 89 -8.04 -18.12 -2.64
CA ASP A 89 -8.45 -19.28 -1.86
C ASP A 89 -8.53 -18.91 -0.38
N GLY A 90 -8.67 -17.62 -0.06
CA GLY A 90 -8.73 -17.12 1.28
C GLY A 90 -7.41 -17.04 2.00
N GLN A 91 -6.32 -17.52 1.40
N GLN A 91 -6.33 -17.53 1.39
CA GLN A 91 -5.05 -17.61 2.10
CA GLN A 91 -5.04 -17.64 2.07
C GLN A 91 -3.99 -16.65 1.59
C GLN A 91 -4.04 -16.58 1.64
N GLY A 92 -4.24 -15.95 0.49
CA GLY A 92 -3.31 -14.90 0.07
C GLY A 92 -1.90 -15.41 -0.08
N SER A 93 -0.96 -14.63 0.44
CA SER A 93 0.44 -15.04 0.41
C SER A 93 0.85 -15.85 1.62
N ASN A 94 -0.11 -16.28 2.45
CA ASN A 94 0.17 -17.05 3.65
C ASN A 94 -0.01 -18.56 3.47
N GLY A 95 -0.57 -19.00 2.36
CA GLY A 95 -0.79 -20.42 2.15
C GLY A 95 -1.53 -20.65 0.85
N GLY A 96 -1.91 -21.89 0.64
CA GLY A 96 -2.67 -22.22 -0.56
C GLY A 96 -1.82 -22.11 -1.81
N LYS A 97 -2.45 -21.66 -2.90
CA LYS A 97 -1.75 -21.51 -4.17
C LYS A 97 -0.71 -20.40 -4.08
N THR A 98 0.36 -20.56 -4.86
CA THR A 98 1.35 -19.49 -5.03
C THR A 98 0.76 -18.46 -5.98
N LYS A 99 0.72 -17.19 -5.55
CA LYS A 99 -0.01 -16.17 -6.27
C LYS A 99 0.91 -15.03 -6.67
N PRO A 100 0.76 -14.48 -7.88
CA PRO A 100 1.74 -13.49 -8.37
C PRO A 100 1.44 -12.07 -7.91
N LYS A 101 2.46 -11.39 -7.39
CA LYS A 101 2.36 -9.96 -7.15
C LYS A 101 2.13 -9.23 -8.47
N PHE A 102 1.45 -8.07 -8.41
CA PHE A 102 0.95 -7.47 -9.64
C PHE A 102 1.96 -6.59 -10.36
N PHE A 103 2.44 -5.53 -9.71
CA PHE A 103 3.06 -4.41 -10.44
C PHE A 103 4.28 -3.94 -9.68
N TYR A 104 5.46 -4.17 -10.24
CA TYR A 104 6.71 -3.70 -9.66
C TYR A 104 7.07 -2.35 -10.26
N ALA A 105 7.32 -1.37 -9.39
CA ALA A 105 7.91 -0.08 -9.73
C ALA A 105 9.21 0.03 -8.95
N HIS A 106 10.20 -0.72 -9.39
CA HIS A 106 11.51 -0.75 -8.76
C HIS A 106 12.46 0.08 -9.61
N SER A 107 12.96 1.18 -9.03
CA SER A 107 13.78 2.16 -9.76
C SER A 107 13.06 2.70 -11.00
N LEU A 108 11.80 3.04 -10.80
CA LEU A 108 11.04 3.87 -11.72
C LEU A 108 11.13 5.29 -11.14
N ASP A 109 12.22 5.96 -11.49
CA ASP A 109 12.70 7.12 -10.75
C ASP A 109 12.43 8.39 -11.54
N SER A 110 12.14 9.47 -10.83
CA SER A 110 11.78 10.75 -11.46
C SER A 110 10.70 10.52 -12.52
N SER A 111 9.66 9.79 -12.13
CA SER A 111 8.70 9.23 -13.06
C SER A 111 7.30 9.40 -12.49
N SER A 112 6.29 9.03 -13.28
CA SER A 112 4.91 9.12 -12.85
C SER A 112 4.10 7.95 -13.40
N ILE A 113 3.07 7.57 -12.64
CA ILE A 113 2.06 6.62 -13.06
C ILE A 113 0.72 7.29 -12.82
N THR A 114 -0.11 7.42 -13.86
CA THR A 114 -1.36 8.16 -13.76
C THR A 114 -2.49 7.40 -14.45
N GLY A 115 -3.63 7.28 -13.77
CA GLY A 115 -4.83 6.79 -14.42
C GLY A 115 -4.89 5.31 -14.67
N ILE A 116 -4.04 4.54 -13.99
CA ILE A 116 -4.05 3.08 -14.11
C ILE A 116 -5.16 2.52 -13.22
N THR A 117 -5.94 1.59 -13.77
CA THR A 117 -6.91 0.82 -13.01
C THR A 117 -6.48 -0.64 -12.96
N ILE A 118 -6.40 -1.19 -11.76
CA ILE A 118 -6.10 -2.60 -11.54
C ILE A 118 -7.38 -3.26 -11.08
N LYS A 119 -7.74 -4.37 -11.70
CA LYS A 119 -8.93 -5.13 -11.31
C LYS A 119 -8.52 -6.54 -10.87
N ASN A 120 -9.01 -6.93 -9.69
CA ASN A 120 -8.90 -8.30 -9.20
C ASN A 120 -7.47 -8.82 -9.23
N SER A 121 -6.61 -8.16 -8.45
CA SER A 121 -5.23 -8.62 -8.33
C SER A 121 -5.20 -9.98 -7.63
N PRO A 122 -4.31 -10.89 -8.05
CA PRO A 122 -4.19 -12.16 -7.31
C PRO A 122 -3.82 -11.97 -5.85
N VAL A 123 -2.93 -11.03 -5.57
N VAL A 123 -2.87 -11.07 -5.55
CA VAL A 123 -2.45 -10.76 -4.23
CA VAL A 123 -2.45 -10.74 -4.19
C VAL A 123 -2.03 -9.29 -4.20
C VAL A 123 -2.08 -9.26 -4.11
N GLN A 124 -0.88 -8.96 -3.64
CA GLN A 124 -0.49 -7.54 -3.50
C GLN A 124 -0.38 -6.87 -4.86
N VAL A 125 -0.63 -5.56 -4.89
CA VAL A 125 -0.70 -4.81 -6.14
C VAL A 125 0.63 -4.13 -6.45
N PHE A 126 0.87 -2.93 -5.94
CA PHE A 126 2.07 -2.17 -6.28
C PHE A 126 3.19 -2.43 -5.26
N SER A 127 4.36 -2.81 -5.78
CA SER A 127 5.59 -2.87 -4.99
C SER A 127 6.44 -1.68 -5.42
N ILE A 128 6.53 -0.68 -4.56
CA ILE A 128 7.17 0.59 -4.88
C ILE A 128 8.52 0.64 -4.19
N GLN A 129 9.58 0.79 -4.98
N GLN A 129 9.59 0.74 -4.99
CA GLN A 129 10.94 0.84 -4.49
CA GLN A 129 10.97 0.84 -4.50
C GLN A 129 11.69 1.79 -5.44
C GLN A 129 11.69 1.80 -5.44
N SER A 130 11.39 3.09 -5.30
CA SER A 130 11.79 4.08 -6.29
C SER A 130 12.05 5.41 -5.59
N ASN A 131 12.65 6.35 -6.34
CA ASN A 131 12.87 7.72 -5.86
C ASN A 131 12.13 8.69 -6.79
N ASN A 132 11.42 9.65 -6.21
CA ASN A 132 10.75 10.69 -6.99
C ASN A 132 9.75 10.08 -7.97
N LEU A 133 8.78 9.35 -7.43
CA LEU A 133 7.75 8.70 -8.21
C LEU A 133 6.39 9.13 -7.70
N SER A 134 5.55 9.62 -8.60
CA SER A 134 4.19 9.98 -8.28
C SER A 134 3.22 8.95 -8.86
N LEU A 135 2.16 8.65 -8.10
CA LEU A 135 1.10 7.73 -8.53
C LEU A 135 -0.22 8.46 -8.32
N THR A 136 -0.86 8.86 -9.41
CA THR A 136 -2.02 9.76 -9.37
C THR A 136 -3.21 9.11 -10.04
N ASP A 137 -4.39 9.25 -9.43
CA ASP A 137 -5.63 8.74 -10.01
C ASP A 137 -5.56 7.23 -10.26
N ILE A 138 -4.97 6.49 -9.32
CA ILE A 138 -4.89 5.03 -9.40
C ILE A 138 -6.16 4.46 -8.79
N THR A 139 -6.72 3.45 -9.45
CA THR A 139 -7.85 2.71 -8.90
C THR A 139 -7.45 1.25 -8.75
N VAL A 140 -7.69 0.71 -7.55
CA VAL A 140 -7.58 -0.72 -7.30
C VAL A 140 -8.99 -1.24 -7.01
N ASP A 141 -9.54 -2.01 -7.93
CA ASP A 141 -10.88 -2.58 -7.80
C ASP A 141 -10.71 -4.08 -7.53
N ASP A 142 -10.59 -4.42 -6.24
CA ASP A 142 -10.59 -5.80 -5.79
C ASP A 142 -11.87 -6.14 -5.02
N ALA A 143 -12.97 -5.45 -5.31
CA ALA A 143 -14.20 -5.66 -4.55
C ALA A 143 -14.66 -7.13 -4.62
N ASP A 144 -14.50 -7.78 -5.78
CA ASP A 144 -14.88 -9.20 -5.89
C ASP A 144 -14.18 -10.04 -4.82
N GLY A 145 -13.00 -9.63 -4.40
CA GLY A 145 -12.27 -10.36 -3.36
C GLY A 145 -12.95 -10.39 -2.02
N ASP A 146 -13.92 -9.50 -1.77
CA ASP A 146 -14.64 -9.50 -0.50
C ASP A 146 -15.43 -10.78 -0.32
N THR A 147 -15.95 -11.36 -1.41
CA THR A 147 -16.76 -12.57 -1.33
C THR A 147 -16.11 -13.78 -1.96
N GLN A 148 -15.04 -13.60 -2.74
CA GLN A 148 -14.44 -14.67 -3.52
C GLN A 148 -13.07 -15.09 -3.00
N GLY A 149 -12.71 -14.68 -1.79
CA GLY A 149 -11.53 -15.21 -1.12
C GLY A 149 -10.27 -14.39 -1.27
N GLY A 150 -10.37 -13.11 -1.60
CA GLY A 150 -9.18 -12.27 -1.69
C GLY A 150 -8.55 -12.05 -0.32
N HIS A 151 -7.22 -12.00 -0.31
CA HIS A 151 -6.46 -11.86 0.93
C HIS A 151 -5.08 -11.33 0.57
N ASN A 152 -4.51 -10.51 1.44
CA ASN A 152 -3.19 -9.91 1.18
C ASN A 152 -3.18 -9.10 -0.12
N THR A 153 -4.29 -8.44 -0.43
CA THR A 153 -4.40 -7.65 -1.66
C THR A 153 -4.03 -6.19 -1.43
N ASP A 154 -2.88 -5.96 -0.76
CA ASP A 154 -2.39 -4.61 -0.48
C ASP A 154 -2.37 -3.77 -1.74
N ALA A 155 -2.76 -2.49 -1.62
CA ALA A 155 -2.71 -1.63 -2.80
C ALA A 155 -1.30 -1.07 -3.04
N PHE A 156 -0.72 -0.38 -2.05
CA PHE A 156 0.58 0.27 -2.22
C PHE A 156 1.53 -0.18 -1.11
N ASP A 157 2.48 -1.05 -1.45
CA ASP A 157 3.55 -1.44 -0.54
C ASP A 157 4.81 -0.65 -0.89
N ILE A 158 5.39 0.04 0.09
CA ILE A 158 6.51 0.95 -0.15
C ILE A 158 7.70 0.52 0.71
N GLY A 159 8.85 0.39 0.08
CA GLY A 159 10.09 0.18 0.81
C GLY A 159 11.24 0.78 0.04
N SER A 160 12.29 1.12 0.77
CA SER A 160 13.53 1.61 0.16
C SER A 160 13.25 2.66 -0.91
N SER A 161 12.44 3.64 -0.54
CA SER A 161 11.95 4.63 -1.48
C SER A 161 12.10 6.02 -0.89
N THR A 162 12.19 7.02 -1.75
CA THR A 162 12.15 8.41 -1.33
C THR A 162 11.27 9.20 -2.27
N TYR A 163 10.64 10.25 -1.75
CA TYR A 163 9.84 11.17 -2.55
C TYR A 163 8.79 10.42 -3.37
N ILE A 164 7.96 9.67 -2.66
CA ILE A 164 6.79 9.01 -3.26
C ILE A 164 5.58 9.86 -2.94
N THR A 165 4.77 10.15 -3.95
CA THR A 165 3.54 10.90 -3.77
C THR A 165 2.39 10.11 -4.39
N ILE A 166 1.41 9.76 -3.58
CA ILE A 166 0.21 9.07 -4.04
C ILE A 166 -0.97 10.02 -3.86
N THR A 167 -1.66 10.35 -4.96
CA THR A 167 -2.71 11.35 -4.95
C THR A 167 -3.99 10.78 -5.54
N ASN A 168 -5.10 10.95 -4.84
CA ASN A 168 -6.42 10.58 -5.35
C ASN A 168 -6.52 9.10 -5.68
N ALA A 169 -5.94 8.24 -4.84
CA ALA A 169 -6.13 6.80 -5.01
C ALA A 169 -7.54 6.40 -4.56
N ASN A 170 -8.10 5.38 -5.22
CA ASN A 170 -9.38 4.79 -4.85
C ASN A 170 -9.16 3.29 -4.77
N VAL A 171 -9.28 2.73 -3.56
CA VAL A 171 -8.90 1.35 -3.29
C VAL A 171 -10.07 0.63 -2.64
N HIS A 172 -10.41 -0.54 -3.17
CA HIS A 172 -11.34 -1.47 -2.53
C HIS A 172 -10.64 -2.83 -2.53
N ASN A 173 -10.23 -3.29 -1.36
CA ASN A 173 -9.37 -4.48 -1.29
C ASN A 173 -9.59 -5.18 0.05
N GLN A 174 -8.65 -6.07 0.41
CA GLN A 174 -8.77 -6.90 1.60
C GLN A 174 -7.51 -6.83 2.48
N ASP A 175 -6.63 -5.86 2.26
CA ASP A 175 -5.47 -5.68 3.12
C ASP A 175 -5.13 -4.18 3.13
N ASP A 176 -3.90 -3.86 3.52
CA ASP A 176 -3.55 -2.46 3.69
C ASP A 176 -3.82 -1.65 2.44
N CYS A 177 -4.35 -0.45 2.63
CA CYS A 177 -4.46 0.51 1.54
C CYS A 177 -3.08 1.04 1.17
N ILE A 178 -2.31 1.47 2.18
CA ILE A 178 -0.89 1.75 2.03
C ILE A 178 -0.20 1.01 3.17
N ALA A 179 0.99 0.48 2.87
CA ALA A 179 1.86 -0.14 3.87
C ALA A 179 3.26 0.40 3.62
N VAL A 180 3.74 1.29 4.49
CA VAL A 180 5.08 1.87 4.36
C VAL A 180 6.03 1.03 5.21
N ASN A 181 6.73 0.09 4.58
CA ASN A 181 7.69 -0.73 5.31
C ASN A 181 9.00 0.00 5.58
N SER A 182 9.36 0.94 4.71
CA SER A 182 10.50 1.82 4.88
C SER A 182 10.39 2.91 3.83
N GLY A 183 11.04 4.02 4.08
CA GLY A 183 11.04 5.09 3.10
C GLY A 183 11.11 6.44 3.77
N GLU A 184 11.47 7.44 2.97
CA GLU A 184 11.64 8.80 3.44
C GLU A 184 10.97 9.77 2.49
N ASN A 185 10.24 10.74 3.04
CA ASN A 185 9.55 11.76 2.26
C ASN A 185 8.47 11.12 1.39
N ILE A 186 7.43 10.64 2.07
N ILE A 186 7.42 10.67 2.07
CA ILE A 186 6.32 9.93 1.47
CA ILE A 186 6.32 9.95 1.44
C ILE A 186 5.06 10.74 1.73
C ILE A 186 5.02 10.68 1.74
N ILE A 187 4.20 10.87 0.72
CA ILE A 187 2.92 11.55 0.85
C ILE A 187 1.82 10.67 0.26
N PHE A 188 0.75 10.47 1.00
CA PHE A 188 -0.50 9.88 0.51
C PHE A 188 -1.59 10.90 0.81
N THR A 189 -2.28 11.38 -0.23
CA THR A 189 -3.25 12.45 -0.05
C THR A 189 -4.47 12.25 -0.93
N GLY A 190 -5.64 12.64 -0.41
CA GLY A 190 -6.85 12.59 -1.22
C GLY A 190 -7.36 11.20 -1.54
N GLY A 191 -7.05 10.21 -0.72
CA GLY A 191 -7.38 8.83 -1.03
C GLY A 191 -8.67 8.38 -0.39
N THR A 192 -9.30 7.37 -1.00
CA THR A 192 -10.45 6.67 -0.44
C THR A 192 -10.11 5.20 -0.38
N CYS A 193 -10.12 4.64 0.83
CA CYS A 193 -9.77 3.24 1.07
C CYS A 193 -10.97 2.53 1.69
N THR A 194 -11.41 1.43 1.09
CA THR A 194 -12.50 0.66 1.66
C THR A 194 -12.18 -0.83 1.60
N GLY A 195 -12.76 -1.59 2.53
CA GLY A 195 -12.68 -3.05 2.51
C GLY A 195 -11.47 -3.63 3.19
N GLY A 196 -10.37 -2.90 3.27
CA GLY A 196 -9.07 -3.41 3.60
C GLY A 196 -8.70 -3.26 5.06
N HIS A 197 -7.42 -3.05 5.32
CA HIS A 197 -6.88 -3.02 6.67
C HIS A 197 -6.35 -1.64 7.08
N GLY A 198 -6.62 -0.62 6.27
CA GLY A 198 -6.39 0.75 6.68
C GLY A 198 -5.14 1.38 6.10
N LEU A 199 -4.82 2.54 6.64
CA LEU A 199 -3.68 3.34 6.19
C LEU A 199 -2.52 3.08 7.15
N SER A 200 -1.57 2.25 6.74
CA SER A 200 -0.57 1.70 7.66
C SER A 200 0.85 2.20 7.41
N ILE A 201 1.51 2.62 8.49
CA ILE A 201 2.97 2.61 8.55
C ILE A 201 3.36 1.23 9.03
N GLY A 202 4.17 0.54 8.24
CA GLY A 202 4.64 -0.78 8.62
C GLY A 202 3.99 -1.89 7.82
N SER A 203 4.36 -3.13 8.16
CA SER A 203 5.23 -3.42 9.31
C SER A 203 6.64 -2.89 9.12
N VAL A 204 7.24 -2.40 10.20
CA VAL A 204 8.60 -1.87 10.20
C VAL A 204 9.45 -2.82 11.03
N GLY A 205 10.51 -3.35 10.41
CA GLY A 205 11.38 -4.28 11.09
C GLY A 205 11.55 -5.60 10.34
N GLY A 206 12.68 -6.27 10.58
CA GLY A 206 12.89 -7.59 10.03
C GLY A 206 13.34 -7.66 8.59
N ARG A 207 13.61 -6.52 7.96
CA ARG A 207 14.04 -6.47 6.56
C ARG A 207 15.43 -5.84 6.50
N SER A 208 15.93 -5.64 5.28
CA SER A 208 17.18 -4.91 5.13
C SER A 208 17.01 -3.43 5.46
N ASP A 209 15.85 -2.88 5.12
CA ASP A 209 15.53 -1.46 5.34
C ASP A 209 14.35 -1.39 6.31
N ASN A 210 14.59 -0.75 7.46
CA ASN A 210 13.61 -0.66 8.53
C ASN A 210 13.49 0.77 9.05
N THR A 211 13.72 1.73 8.17
CA THR A 211 13.70 3.15 8.54
C THR A 211 12.57 3.86 7.80
N VAL A 212 11.68 4.49 8.56
CA VAL A 212 10.61 5.32 8.04
C VAL A 212 10.81 6.74 8.57
N LYS A 213 10.83 7.73 7.68
CA LYS A 213 11.06 9.11 8.10
C LYS A 213 10.31 10.08 7.19
N ASN A 214 9.56 11.00 7.80
CA ASN A 214 8.87 12.08 7.10
C ASN A 214 7.81 11.51 6.13
N VAL A 215 6.73 11.03 6.73
CA VAL A 215 5.59 10.50 5.99
C VAL A 215 4.37 11.32 6.38
N THR A 216 3.60 11.76 5.39
CA THR A 216 2.34 12.44 5.61
C THR A 216 1.23 11.66 4.92
N ILE A 217 0.22 11.27 5.69
CA ILE A 217 -0.97 10.62 5.18
C ILE A 217 -2.12 11.55 5.54
N GLU A 218 -2.78 12.09 4.53
CA GLU A 218 -3.64 13.24 4.78
C GLU A 218 -4.85 13.26 3.85
N HIS A 219 -5.88 14.00 4.29
CA HIS A 219 -7.06 14.28 3.47
C HIS A 219 -7.60 13.02 2.81
N SER A 220 -7.83 11.99 3.63
CA SER A 220 -8.24 10.69 3.11
C SER A 220 -9.34 10.10 3.98
N THR A 221 -10.03 9.12 3.40
N THR A 221 -10.07 9.14 3.40
CA THR A 221 -11.16 8.44 4.01
CA THR A 221 -11.14 8.46 4.11
C THR A 221 -10.88 6.95 4.05
C THR A 221 -10.94 6.95 4.06
N VAL A 222 -11.21 6.31 5.18
CA VAL A 222 -11.10 4.85 5.35
C VAL A 222 -12.45 4.36 5.84
N THR A 223 -13.06 3.44 5.09
CA THR A 223 -14.37 2.93 5.45
C THR A 223 -14.38 1.41 5.37
N ASN A 224 -15.22 0.80 6.20
CA ASN A 224 -15.50 -0.63 6.11
C ASN A 224 -14.21 -1.43 6.03
N SER A 225 -13.35 -1.19 7.00
CA SER A 225 -11.98 -1.69 7.02
C SER A 225 -11.67 -2.18 8.42
N GLN A 226 -10.67 -3.07 8.54
CA GLN A 226 -10.33 -3.60 9.86
C GLN A 226 -9.78 -2.51 10.78
N ASN A 227 -8.97 -1.61 10.23
CA ASN A 227 -8.36 -0.52 10.98
C ASN A 227 -8.51 0.76 10.18
N GLY A 228 -8.45 1.89 10.89
CA GLY A 228 -8.46 3.18 10.21
C GLY A 228 -7.04 3.65 9.98
N VAL A 229 -6.38 4.06 11.07
CA VAL A 229 -4.99 4.50 11.08
C VAL A 229 -4.21 3.43 11.85
N ARG A 230 -3.11 2.95 11.27
CA ARG A 230 -2.32 1.91 11.95
C ARG A 230 -0.83 2.16 11.80
N ILE A 231 -0.10 1.99 12.89
CA ILE A 231 1.36 1.86 12.86
C ILE A 231 1.71 0.52 13.50
N LYS A 232 2.44 -0.32 12.77
CA LYS A 232 2.81 -1.66 13.23
C LYS A 232 4.32 -1.83 13.11
N THR A 233 4.96 -2.10 14.23
CA THR A 233 6.39 -2.41 14.26
C THR A 233 6.57 -3.85 14.73
N VAL A 234 7.54 -4.53 14.13
CA VAL A 234 7.66 -5.98 14.28
C VAL A 234 8.22 -6.34 15.65
N TYR A 235 7.60 -7.34 16.28
CA TYR A 235 8.04 -7.83 17.57
C TYR A 235 9.52 -8.21 17.54
N GLY A 236 10.30 -7.61 18.43
CA GLY A 236 11.70 -7.94 18.57
C GLY A 236 12.63 -7.39 17.51
N ALA A 237 12.14 -6.56 16.60
CA ALA A 237 12.94 -6.05 15.50
C ALA A 237 13.63 -4.75 15.87
N THR A 238 14.49 -4.28 14.97
CA THR A 238 15.22 -3.02 15.09
CA THR A 238 15.16 -2.99 15.12
C THR A 238 14.89 -2.13 13.90
N GLY A 239 14.69 -0.84 14.15
CA GLY A 239 14.39 0.10 13.09
C GLY A 239 14.02 1.42 13.70
N SER A 240 13.38 2.28 12.90
CA SER A 240 12.90 3.53 13.47
C SER A 240 11.78 4.12 12.61
N VAL A 241 10.84 4.79 13.27
CA VAL A 241 9.73 5.49 12.64
C VAL A 241 9.71 6.89 13.22
N SER A 242 9.92 7.90 12.38
CA SER A 242 9.99 9.26 12.89
C SER A 242 9.36 10.23 11.91
N GLU A 243 8.81 11.31 12.46
CA GLU A 243 8.21 12.40 11.67
C GLU A 243 7.09 11.89 10.78
N VAL A 244 6.14 11.21 11.38
CA VAL A 244 4.95 10.72 10.69
C VAL A 244 3.78 11.61 11.08
N THR A 245 3.00 12.01 10.09
CA THR A 245 1.81 12.83 10.33
C THR A 245 0.62 12.18 9.65
N TYR A 246 -0.44 11.92 10.42
CA TYR A 246 -1.77 11.64 9.88
C TYR A 246 -2.61 12.88 10.13
N SER A 247 -3.17 13.45 9.08
N SER A 247 -3.19 13.44 9.08
N SER A 247 -3.18 13.45 9.07
CA SER A 247 -3.95 14.67 9.23
CA SER A 247 -3.93 14.69 9.18
CA SER A 247 -3.93 14.69 9.19
C SER A 247 -5.18 14.64 8.35
C SER A 247 -5.19 14.62 8.34
C SER A 247 -5.19 14.61 8.34
N ASN A 248 -6.31 15.04 8.93
CA ASN A 248 -7.60 15.12 8.21
C ASN A 248 -7.95 13.76 7.60
N ILE A 249 -8.05 12.77 8.49
CA ILE A 249 -8.46 11.41 8.14
C ILE A 249 -9.84 11.20 8.73
N GLN A 250 -10.79 10.78 7.90
CA GLN A 250 -12.13 10.42 8.36
C GLN A 250 -12.33 8.93 8.19
N MET A 251 -13.03 8.32 9.15
CA MET A 251 -13.25 6.88 9.09
C MET A 251 -14.65 6.51 9.55
N SER A 252 -15.14 5.38 9.04
N SER A 252 -15.12 5.36 9.06
CA SER A 252 -16.42 4.86 9.49
CA SER A 252 -16.45 4.87 9.38
C SER A 252 -16.50 3.39 9.12
C SER A 252 -16.47 3.36 9.14
N GLY A 253 -17.31 2.66 9.89
CA GLY A 253 -17.47 1.23 9.65
C GLY A 253 -16.23 0.42 9.95
N ILE A 254 -15.38 0.91 10.85
CA ILE A 254 -14.13 0.23 11.17
C ILE A 254 -14.42 -0.91 12.14
N THR A 255 -13.90 -2.10 11.85
CA THR A 255 -14.37 -3.30 12.55
C THR A 255 -13.46 -3.76 13.71
N ASN A 256 -12.17 -3.41 13.70
CA ASN A 256 -11.26 -3.81 14.76
C ASN A 256 -10.74 -2.64 15.58
N TYR A 257 -10.01 -1.70 14.96
CA TYR A 257 -9.37 -0.60 15.67
C TYR A 257 -9.48 0.67 14.85
N GLY A 258 -10.08 1.72 15.42
CA GLY A 258 -10.06 3.01 14.74
C GLY A 258 -8.64 3.51 14.53
N ILE A 259 -7.86 3.57 15.61
CA ILE A 259 -6.44 3.89 15.58
C ILE A 259 -5.73 2.78 16.34
N VAL A 260 -4.71 2.18 15.74
CA VAL A 260 -3.93 1.15 16.43
C VAL A 260 -2.46 1.39 16.17
N ILE A 261 -1.69 1.53 17.25
CA ILE A 261 -0.24 1.67 17.16
C ILE A 261 0.30 0.57 18.05
N GLU A 262 1.01 -0.40 17.45
CA GLU A 262 1.45 -1.54 18.24
C GLU A 262 2.84 -1.99 17.86
N GLN A 263 3.62 -2.36 18.87
CA GLN A 263 5.02 -2.72 18.70
C GLN A 263 5.27 -4.19 19.00
N ASP A 264 4.22 -5.00 18.83
CA ASP A 264 4.25 -6.45 19.03
C ASP A 264 3.85 -7.18 17.75
N TYR A 265 3.96 -6.55 16.59
CA TYR A 265 3.36 -7.10 15.39
C TYR A 265 4.11 -8.32 14.88
N GLU A 266 3.34 -9.35 14.49
CA GLU A 266 3.84 -10.42 13.65
C GLU A 266 2.78 -10.71 12.60
N ASN A 267 3.22 -11.25 11.46
CA ASN A 267 2.28 -11.47 10.34
C ASN A 267 1.16 -12.41 10.74
N GLY A 268 1.47 -13.48 11.46
CA GLY A 268 0.42 -14.43 11.82
C GLY A 268 -0.55 -13.86 12.83
N SER A 269 -0.03 -13.20 13.86
CA SER A 269 -0.80 -12.65 14.96
C SER A 269 0.15 -11.84 15.84
N PRO A 270 -0.26 -10.70 16.36
CA PRO A 270 0.61 -9.97 17.30
C PRO A 270 0.84 -10.79 18.55
N THR A 271 1.98 -10.55 19.22
CA THR A 271 2.30 -11.34 20.40
C THR A 271 1.54 -10.92 21.65
N GLY A 272 1.05 -9.69 21.69
CA GLY A 272 0.49 -9.14 22.90
C GLY A 272 1.48 -8.48 23.84
N THR A 273 2.78 -8.61 23.58
N THR A 273 2.77 -8.64 23.59
CA THR A 273 3.81 -8.00 24.41
CA THR A 273 3.79 -7.98 24.40
C THR A 273 4.71 -7.16 23.51
C THR A 273 4.69 -7.15 23.49
N PRO A 274 4.81 -5.85 23.71
CA PRO A 274 5.59 -5.00 22.81
C PRO A 274 7.08 -5.07 23.15
N THR A 275 7.88 -4.72 22.16
CA THR A 275 9.32 -4.54 22.34
C THR A 275 9.68 -3.09 21.98
N ASN A 276 10.93 -2.72 22.22
CA ASN A 276 11.32 -1.32 22.16
C ASN A 276 12.46 -1.01 21.19
N GLY A 277 12.71 -1.89 20.22
CA GLY A 277 13.77 -1.67 19.25
C GLY A 277 13.41 -0.87 18.02
N VAL A 278 12.14 -0.51 17.84
CA VAL A 278 11.71 0.32 16.71
C VAL A 278 11.03 1.57 17.26
N PRO A 279 11.79 2.57 17.72
CA PRO A 279 11.15 3.75 18.33
C PRO A 279 10.28 4.51 17.34
N ILE A 280 9.13 4.97 17.84
CA ILE A 280 8.18 5.81 17.10
C ILE A 280 8.23 7.18 17.75
N THR A 281 8.85 8.14 17.06
CA THR A 281 9.04 9.48 17.60
C THR A 281 8.48 10.53 16.64
N ASP A 282 8.09 11.67 17.20
CA ASP A 282 7.58 12.79 16.41
C ASP A 282 6.42 12.35 15.53
N LEU A 283 5.45 11.70 16.16
CA LEU A 283 4.21 11.30 15.53
C LEU A 283 3.15 12.35 15.79
N THR A 284 2.54 12.84 14.72
CA THR A 284 1.47 13.83 14.81
C THR A 284 0.20 13.22 14.26
N LEU A 285 -0.87 13.27 15.05
CA LEU A 285 -2.21 13.03 14.57
C LEU A 285 -2.97 14.33 14.71
N ASN A 286 -3.55 14.81 13.63
CA ASN A 286 -4.30 16.06 13.65
C ASN A 286 -5.58 15.83 12.89
N CYS A 287 -6.72 15.96 13.57
CA CYS A 287 -8.02 15.82 12.92
CA CYS A 287 -8.01 15.82 12.91
C CYS A 287 -8.18 14.43 12.31
N VAL A 288 -8.11 13.43 13.18
CA VAL A 288 -8.37 12.05 12.82
C VAL A 288 -9.67 11.70 13.55
N THR A 289 -10.74 11.53 12.79
CA THR A 289 -12.09 11.50 13.35
C THR A 289 -12.95 10.45 12.66
N GLY A 290 -13.98 10.03 13.35
CA GLY A 290 -14.97 9.17 12.74
C GLY A 290 -15.53 8.18 13.74
N SER A 291 -15.97 7.04 13.21
CA SER A 291 -16.69 6.06 14.01
C SER A 291 -16.17 4.66 13.72
N VAL A 292 -16.31 3.78 14.72
CA VAL A 292 -16.04 2.37 14.58
C VAL A 292 -17.32 1.59 14.86
N SER A 293 -17.33 0.33 14.42
CA SER A 293 -18.50 -0.51 14.62
C SER A 293 -18.64 -0.95 16.08
N SER A 294 -19.79 -1.52 16.40
N SER A 294 -19.80 -1.52 16.42
CA SER A 294 -20.14 -1.81 17.79
CA SER A 294 -20.12 -1.79 17.81
C SER A 294 -19.11 -2.72 18.46
C SER A 294 -19.14 -2.75 18.47
N GLY A 295 -18.60 -3.70 17.73
CA GLY A 295 -17.64 -4.64 18.30
C GLY A 295 -16.19 -4.22 18.26
N ALA A 296 -15.90 -3.01 17.80
CA ALA A 296 -14.54 -2.54 17.58
C ALA A 296 -14.04 -1.78 18.81
N THR A 297 -12.75 -1.50 18.80
CA THR A 297 -12.09 -0.71 19.82
C THR A 297 -11.68 0.62 19.19
N GLU A 298 -11.89 1.71 19.92
CA GLU A 298 -11.65 3.02 19.33
C GLU A 298 -10.16 3.26 19.08
N ILE A 299 -9.35 3.18 20.13
CA ILE A 299 -7.92 3.51 20.06
C ILE A 299 -7.15 2.49 20.89
N TYR A 300 -6.10 1.91 20.29
CA TYR A 300 -5.28 0.91 20.97
C TYR A 300 -3.82 1.28 20.74
N ILE A 301 -3.09 1.53 21.83
CA ILE A 301 -1.69 1.90 21.77
C ILE A 301 -0.92 0.90 22.61
N LEU A 302 -0.07 0.10 21.98
CA LEU A 302 0.75 -0.91 22.65
C LEU A 302 2.20 -0.61 22.36
N CYS A 303 2.78 0.30 23.12
CA CYS A 303 4.16 0.73 22.94
C CYS A 303 5.07 -0.03 23.89
N GLY A 304 6.31 -0.24 23.45
CA GLY A 304 7.35 -0.76 24.31
C GLY A 304 7.86 0.30 25.28
N SER A 305 8.81 -0.12 26.10
N SER A 305 8.79 -0.12 26.12
CA SER A 305 9.35 0.73 27.16
CA SER A 305 9.31 0.75 27.18
C SER A 305 10.31 1.76 26.55
C SER A 305 10.29 1.75 26.57
N GLY A 306 9.91 3.04 26.56
CA GLY A 306 10.73 4.10 26.04
C GLY A 306 10.71 4.29 24.53
N SER A 307 10.00 3.44 23.79
CA SER A 307 10.04 3.47 22.33
C SER A 307 8.90 4.24 21.69
N CYS A 308 8.15 5.03 22.45
CA CYS A 308 7.17 5.95 21.87
C CYS A 308 7.32 7.28 22.61
N SER A 309 7.72 8.32 21.89
CA SER A 309 7.96 9.59 22.55
C SER A 309 7.78 10.75 21.58
N SER A 310 7.50 11.93 22.15
CA SER A 310 7.31 13.17 21.41
C SER A 310 6.19 13.03 20.37
N TRP A 311 4.99 12.79 20.86
CA TRP A 311 3.80 12.72 20.03
C TRP A 311 2.94 13.96 20.26
N THR A 312 2.22 14.37 19.22
CA THR A 312 1.33 15.53 19.25
C THR A 312 0.01 15.06 18.65
N TRP A 313 -1.04 14.98 19.47
CA TRP A 313 -2.34 14.51 19.03
C TRP A 313 -3.36 15.59 19.32
N THR A 314 -3.99 16.10 18.27
CA THR A 314 -4.99 17.15 18.41
C THR A 314 -6.19 16.85 17.54
N CYS A 315 -7.38 17.10 18.06
CA CYS A 315 -8.62 16.88 17.31
C CYS A 315 -8.75 15.43 16.87
N VAL A 316 -8.43 14.51 17.77
CA VAL A 316 -8.63 13.09 17.54
C VAL A 316 -9.93 12.71 18.25
N SER A 317 -10.91 12.19 17.50
CA SER A 317 -12.18 11.83 18.12
C SER A 317 -12.76 10.64 17.36
N ILE A 318 -12.79 9.49 18.02
CA ILE A 318 -13.26 8.23 17.45
C ILE A 318 -14.43 7.77 18.30
N THR A 319 -15.61 7.69 17.71
CA THR A 319 -16.81 7.32 18.42
C THR A 319 -17.21 5.88 18.13
N GLY A 320 -18.11 5.36 18.96
CA GLY A 320 -18.61 4.02 18.79
C GLY A 320 -17.73 2.97 19.43
N GLY A 321 -18.21 1.73 19.40
CA GLY A 321 -17.41 0.65 19.93
C GLY A 321 -17.11 0.85 21.40
N SER A 322 -15.91 0.41 21.79
N SER A 322 -15.92 0.39 21.82
CA SER A 322 -15.48 0.38 23.18
CA SER A 322 -15.53 0.44 23.21
C SER A 322 -14.11 1.01 23.32
C SER A 322 -14.11 0.97 23.34
N LYS A 323 -13.80 1.46 24.54
CA LYS A 323 -12.46 1.93 24.85
C LYS A 323 -11.57 0.74 25.19
N SER A 324 -10.29 0.85 24.84
CA SER A 324 -9.36 -0.23 25.12
C SER A 324 -9.01 -0.28 26.60
N THR A 325 -8.86 -1.49 27.13
CA THR A 325 -8.32 -1.71 28.46
C THR A 325 -6.94 -2.36 28.42
N LYS A 326 -6.25 -2.28 27.28
CA LYS A 326 -4.99 -2.98 27.11
C LYS A 326 -3.85 -2.06 26.65
N CYS A 327 -4.02 -0.75 26.67
CA CYS A 327 -2.97 0.14 26.21
C CYS A 327 -1.77 0.11 27.17
N GLU A 328 -0.57 0.27 26.61
CA GLU A 328 0.66 0.25 27.39
C GLU A 328 1.61 1.32 26.88
N ASN A 329 2.29 1.99 27.82
CA ASN A 329 3.34 2.96 27.53
C ASN A 329 2.85 4.10 26.64
N VAL A 330 1.67 4.63 26.97
CA VAL A 330 1.10 5.75 26.20
C VAL A 330 1.91 7.02 26.46
N PRO A 331 2.34 7.75 25.43
CA PRO A 331 3.16 8.94 25.64
C PRO A 331 2.37 10.09 26.24
N SER A 332 3.13 11.09 26.73
CA SER A 332 2.55 12.33 27.18
C SER A 332 1.67 12.96 26.11
N GLY A 333 0.54 13.52 26.53
CA GLY A 333 -0.35 14.21 25.64
C GLY A 333 -1.23 13.34 24.77
N VAL A 334 -1.26 12.04 25.03
CA VAL A 334 -2.00 11.07 24.22
C VAL A 334 -2.86 10.23 25.15
N SER A 335 -3.98 9.74 24.64
CA SER A 335 -4.81 8.82 25.42
C SER A 335 -5.51 7.85 24.48
N CYS A 336 -5.88 6.70 25.04
CA CYS A 336 -6.70 5.72 24.33
C CYS A 336 -8.18 6.02 24.55
#